data_8R3W
#
_entry.id   8R3W
#
_cell.length_a   64.780
_cell.length_b   65.000
_cell.length_c   122.270
_cell.angle_alpha   90.00
_cell.angle_beta   90.00
_cell.angle_gamma   90.00
#
_symmetry.space_group_name_H-M   'P 21 21 21'
#
loop_
_entity.id
_entity.type
_entity.pdbx_description
1 polymer 'Homospecific Diabody CR57'
2 water water
#
_entity_poly.entity_id   1
_entity_poly.type   'polypeptide(L)'
_entity_poly.pdbx_seq_one_letter_code
;ETGEVQLVQSGAEVKKPGSSVKVSCKASGGTFNRYTVNWVRQAPGQGLEWMGGIIPIFGTANYAQRFQGRLTITADESTS
TAYMELSSLRSDDTAVYFCARENLDNSGTYYYFSGWFDPWGQGTLVTVSSQSALTQPRSVSGSPGQSVTISCTGTSSDIG
GYNFVSWYQQHPGKAPKLMIYDATKRPSGVPDRFSGSKSGNTASLTISGLQAEDEADYYCCSYAGDYTPGVVFGGGTKLT
VLGQPKAAPSVTLGTKHHHHHH
;
_entity_poly.pdbx_strand_id   A,R
#
# COMPACT_ATOMS: atom_id res chain seq x y z
N GLU A 4 16.26 -27.78 -1.82
CA GLU A 4 17.55 -27.12 -1.64
C GLU A 4 17.52 -26.21 -0.42
N VAL A 5 18.37 -25.18 -0.45
CA VAL A 5 18.45 -24.25 0.68
C VAL A 5 17.19 -23.41 0.74
N GLN A 6 16.56 -23.39 1.91
CA GLN A 6 15.32 -22.65 2.13
C GLN A 6 15.55 -21.61 3.21
N LEU A 7 15.13 -20.37 2.95
CA LEU A 7 15.26 -19.28 3.90
C LEU A 7 13.95 -19.13 4.68
N VAL A 8 14.02 -19.31 5.99
CA VAL A 8 12.86 -19.24 6.87
C VAL A 8 13.00 -18.00 7.75
N GLN A 9 11.93 -17.22 7.83
CA GLN A 9 11.94 -15.97 8.58
C GLN A 9 11.05 -16.09 9.81
N SER A 10 11.26 -15.18 10.76
CA SER A 10 10.48 -15.17 11.98
C SER A 10 9.05 -14.71 11.70
N GLY A 11 8.20 -14.87 12.71
CA GLY A 11 6.78 -14.59 12.55
C GLY A 11 6.46 -13.11 12.52
N ALA A 12 5.19 -12.83 12.27
CA ALA A 12 4.72 -11.46 12.14
C ALA A 12 4.74 -10.75 13.49
N GLU A 13 4.87 -9.42 13.44
CA GLU A 13 4.97 -8.59 14.63
C GLU A 13 4.04 -7.39 14.52
N VAL A 14 3.51 -6.97 15.66
CA VAL A 14 2.69 -5.77 15.77
C VAL A 14 3.37 -4.86 16.78
N LYS A 15 3.85 -3.71 16.31
CA LYS A 15 4.63 -2.80 17.13
C LYS A 15 3.98 -1.42 17.17
N LYS A 16 4.30 -0.67 18.22
CA LYS A 16 3.89 0.71 18.38
C LYS A 16 4.93 1.64 17.77
N PRO A 17 4.53 2.83 17.32
CA PRO A 17 5.51 3.78 16.80
C PRO A 17 6.50 4.20 17.88
N GLY A 18 7.78 4.28 17.50
CA GLY A 18 8.83 4.67 18.40
C GLY A 18 9.65 3.53 18.97
N SER A 19 9.26 2.29 18.71
CA SER A 19 9.99 1.13 19.18
C SER A 19 10.86 0.58 18.07
N SER A 20 11.50 -0.56 18.32
CA SER A 20 12.32 -1.25 17.34
C SER A 20 11.80 -2.68 17.16
N VAL A 21 12.27 -3.31 16.09
CA VAL A 21 11.82 -4.65 15.71
C VAL A 21 12.99 -5.41 15.11
N LYS A 22 13.07 -6.70 15.41
CA LYS A 22 14.12 -7.56 14.89
C LYS A 22 13.48 -8.75 14.17
N VAL A 23 13.81 -8.91 12.90
CA VAL A 23 13.36 -10.05 12.10
C VAL A 23 14.57 -10.92 11.81
N SER A 24 14.38 -12.23 11.85
CA SER A 24 15.46 -13.19 11.62
C SER A 24 15.25 -13.90 10.29
N CYS A 25 16.32 -14.52 9.80
CA CYS A 25 16.29 -15.24 8.53
C CYS A 25 17.30 -16.38 8.64
N LYS A 26 16.81 -17.58 8.84
CA LYS A 26 17.65 -18.76 9.02
C LYS A 26 17.72 -19.55 7.73
N ALA A 27 18.92 -20.02 7.40
CA ALA A 27 19.16 -20.87 6.23
C ALA A 27 19.21 -22.32 6.67
N SER A 28 18.48 -23.18 5.96
CA SER A 28 18.41 -24.59 6.34
C SER A 28 19.68 -25.35 5.96
N GLY A 29 20.25 -25.03 4.79
CA GLY A 29 21.45 -25.70 4.34
C GLY A 29 22.46 -24.76 3.73
N GLY A 30 23.46 -25.31 3.05
CA GLY A 30 24.48 -24.49 2.41
C GLY A 30 25.40 -23.81 3.40
N THR A 31 26.48 -23.20 2.90
CA THR A 31 27.42 -22.48 3.74
C THR A 31 27.10 -20.99 3.69
N PHE A 32 26.94 -20.38 4.87
CA PHE A 32 26.58 -18.97 4.95
C PHE A 32 27.70 -18.06 4.51
N ASN A 33 28.95 -18.53 4.54
CA ASN A 33 30.11 -17.69 4.24
C ASN A 33 30.25 -17.39 2.76
N ARG A 34 29.56 -18.11 1.88
CA ARG A 34 29.71 -17.94 0.45
C ARG A 34 28.56 -17.14 -0.17
N TYR A 35 27.82 -16.39 0.64
CA TYR A 35 26.69 -15.62 0.14
C TYR A 35 26.57 -14.33 0.93
N THR A 36 25.84 -13.38 0.37
CA THR A 36 25.41 -12.17 1.06
C THR A 36 23.91 -12.24 1.27
N VAL A 37 23.43 -11.52 2.28
CA VAL A 37 22.01 -11.53 2.64
C VAL A 37 21.50 -10.10 2.57
N ASN A 38 20.49 -9.88 1.75
CA ASN A 38 19.86 -8.58 1.57
C ASN A 38 18.49 -8.57 2.23
N TRP A 39 17.99 -7.36 2.48
CA TRP A 39 16.64 -7.18 3.02
C TRP A 39 15.87 -6.23 2.13
N VAL A 40 14.69 -6.67 1.70
CA VAL A 40 13.80 -5.90 0.83
C VAL A 40 12.43 -5.88 1.49
N ARG A 41 11.82 -4.70 1.56
CA ARG A 41 10.51 -4.56 2.18
C ARG A 41 9.48 -4.12 1.15
N GLN A 42 8.20 -4.35 1.49
CA GLN A 42 7.11 -4.11 0.54
C GLN A 42 5.88 -3.68 1.34
N ALA A 43 5.52 -2.41 1.23
CA ALA A 43 4.31 -1.92 1.87
C ALA A 43 3.08 -2.56 1.22
N PRO A 44 1.98 -2.73 1.98
CA PRO A 44 0.79 -3.38 1.42
C PRO A 44 0.29 -2.67 0.17
N GLY A 45 0.23 -3.41 -0.93
CA GLY A 45 -0.20 -2.86 -2.20
C GLY A 45 0.84 -2.04 -2.93
N GLN A 46 2.11 -2.11 -2.53
CA GLN A 46 3.15 -1.24 -3.06
C GLN A 46 4.30 -2.08 -3.60
N GLY A 47 5.32 -1.40 -4.12
CA GLY A 47 6.45 -2.05 -4.74
C GLY A 47 7.51 -2.48 -3.75
N LEU A 48 8.59 -3.02 -4.31
CA LEU A 48 9.71 -3.49 -3.50
C LEU A 48 10.71 -2.37 -3.25
N GLU A 49 11.43 -2.47 -2.14
CA GLU A 49 12.36 -1.43 -1.72
C GLU A 49 13.56 -2.08 -1.06
N TRP A 50 14.74 -1.92 -1.66
CA TRP A 50 15.97 -2.45 -1.08
C TRP A 50 16.37 -1.63 0.14
N MET A 51 16.67 -2.32 1.24
CA MET A 51 17.06 -1.67 2.48
C MET A 51 18.56 -1.78 2.78
N GLY A 52 19.14 -2.96 2.62
CA GLY A 52 20.54 -3.13 2.93
C GLY A 52 20.95 -4.59 2.76
N GLY A 53 22.25 -4.81 2.86
CA GLY A 53 22.80 -6.14 2.75
C GLY A 53 24.00 -6.30 3.66
N ILE A 54 24.34 -7.57 3.93
CA ILE A 54 25.46 -7.90 4.80
C ILE A 54 26.32 -8.97 4.12
N ILE A 55 27.62 -8.88 4.32
CA ILE A 55 28.56 -9.91 3.88
C ILE A 55 29.04 -10.65 5.12
N PRO A 56 28.51 -11.83 5.41
CA PRO A 56 28.83 -12.51 6.68
C PRO A 56 30.31 -12.71 6.95
N ILE A 57 31.13 -12.95 5.93
CA ILE A 57 32.55 -13.18 6.16
C ILE A 57 33.24 -11.89 6.60
N PHE A 58 32.98 -10.79 5.88
CA PHE A 58 33.62 -9.53 6.19
C PHE A 58 33.06 -8.88 7.46
N GLY A 59 31.89 -9.32 7.92
CA GLY A 59 31.23 -8.65 9.02
C GLY A 59 30.85 -7.22 8.71
N THR A 60 30.51 -6.94 7.46
CA THR A 60 30.23 -5.58 7.00
C THR A 60 28.82 -5.53 6.41
N ALA A 61 28.12 -4.44 6.68
CA ALA A 61 26.77 -4.24 6.16
C ALA A 61 26.69 -2.86 5.52
N ASN A 62 25.96 -2.80 4.40
CA ASN A 62 25.70 -1.53 3.71
C ASN A 62 24.21 -1.28 3.70
N TYR A 63 23.82 -0.02 3.86
CA TYR A 63 22.43 0.36 3.97
C TYR A 63 22.09 1.45 2.97
N ALA A 64 20.85 1.43 2.50
CA ALA A 64 20.33 2.52 1.67
C ALA A 64 20.31 3.81 2.48
N GLN A 65 20.34 4.93 1.75
CA GLN A 65 20.53 6.23 2.38
C GLN A 65 19.46 6.52 3.42
N ARG A 66 18.19 6.35 3.05
CA ARG A 66 17.08 6.74 3.92
C ARG A 66 16.98 5.89 5.18
N PHE A 67 17.73 4.79 5.27
CA PHE A 67 17.70 3.94 6.45
C PHE A 67 18.91 4.09 7.35
N GLN A 68 19.91 4.87 6.93
CA GLN A 68 21.11 5.05 7.75
C GLN A 68 20.75 5.75 9.05
N GLY A 69 21.21 5.19 10.17
CA GLY A 69 20.88 5.68 11.48
C GLY A 69 19.70 4.98 12.14
N ARG A 70 18.96 4.19 11.38
CA ARG A 70 17.82 3.44 11.92
C ARG A 70 17.88 1.95 11.63
N LEU A 71 18.76 1.49 10.74
CA LEU A 71 18.79 0.10 10.32
C LEU A 71 20.17 -0.48 10.56
N THR A 72 20.22 -1.66 11.18
CA THR A 72 21.45 -2.44 11.29
C THR A 72 21.14 -3.88 10.93
N ILE A 73 22.06 -4.52 10.24
CA ILE A 73 21.93 -5.92 9.83
C ILE A 73 23.11 -6.69 10.38
N THR A 74 22.82 -7.80 11.06
CA THR A 74 23.86 -8.63 11.65
C THR A 74 23.63 -10.07 11.24
N ALA A 75 24.56 -10.93 11.63
CA ALA A 75 24.49 -12.34 11.28
C ALA A 75 25.22 -13.15 12.34
N ASP A 76 24.82 -14.42 12.45
CA ASP A 76 25.49 -15.40 13.32
C ASP A 76 25.83 -16.60 12.44
N GLU A 77 27.10 -16.73 12.07
CA GLU A 77 27.52 -17.81 11.19
C GLU A 77 27.33 -19.18 11.83
N SER A 78 27.24 -19.25 13.15
CA SER A 78 27.07 -20.54 13.83
C SER A 78 25.72 -21.16 13.50
N THR A 79 24.65 -20.36 13.57
CA THR A 79 23.32 -20.83 13.25
C THR A 79 22.90 -20.49 11.81
N SER A 80 23.79 -19.89 11.02
CA SER A 80 23.49 -19.47 9.66
C SER A 80 22.20 -18.63 9.63
N THR A 81 22.13 -17.68 10.55
CA THR A 81 20.97 -16.82 10.71
C THR A 81 21.40 -15.37 10.54
N ALA A 82 20.67 -14.62 9.71
CA ALA A 82 20.86 -13.20 9.54
C ALA A 82 19.73 -12.45 10.22
N TYR A 83 20.05 -11.28 10.80
CA TYR A 83 19.09 -10.50 11.55
C TYR A 83 18.99 -9.10 10.98
N MET A 84 17.79 -8.52 11.10
CA MET A 84 17.53 -7.15 10.68
C MET A 84 16.83 -6.43 11.82
N GLU A 85 17.37 -5.29 12.24
CA GLU A 85 16.77 -4.47 13.27
C GLU A 85 16.49 -3.08 12.71
N LEU A 86 15.23 -2.66 12.77
CA LEU A 86 14.81 -1.34 12.34
C LEU A 86 14.37 -0.56 13.58
N SER A 87 15.00 0.58 13.82
CA SER A 87 14.76 1.38 15.01
C SER A 87 13.92 2.62 14.68
N SER A 88 13.44 3.28 15.73
CA SER A 88 12.60 4.46 15.64
C SER A 88 11.48 4.25 14.61
N LEU A 89 10.63 3.28 14.92
CA LEU A 89 9.60 2.87 13.98
C LEU A 89 8.53 3.93 13.83
N ARG A 90 8.01 4.07 12.60
CA ARG A 90 6.87 4.91 12.31
C ARG A 90 5.85 4.09 11.53
N SER A 91 4.62 4.59 11.47
CA SER A 91 3.58 3.90 10.72
C SER A 91 3.98 3.71 9.27
N ASP A 92 4.86 4.58 8.75
CA ASP A 92 5.41 4.44 7.41
C ASP A 92 6.22 3.17 7.22
N ASP A 93 6.59 2.47 8.29
CA ASP A 93 7.40 1.27 8.20
C ASP A 93 6.57 0.00 8.13
N THR A 94 5.24 0.11 8.16
CA THR A 94 4.38 -1.07 8.02
C THR A 94 4.57 -1.70 6.66
N ALA A 95 5.09 -2.93 6.65
CA ALA A 95 5.41 -3.60 5.39
C ALA A 95 5.71 -5.06 5.64
N VAL A 96 5.81 -5.81 4.54
CA VAL A 96 6.32 -7.17 4.55
C VAL A 96 7.83 -7.11 4.29
N TYR A 97 8.61 -7.80 5.13
CA TYR A 97 10.05 -7.75 5.07
C TYR A 97 10.59 -9.09 4.57
N PHE A 98 11.30 -9.05 3.45
CA PHE A 98 11.91 -10.24 2.85
C PHE A 98 13.42 -10.24 3.08
N CYS A 99 13.97 -11.43 3.26
CA CYS A 99 15.40 -11.64 3.15
C CYS A 99 15.68 -12.40 1.86
N ALA A 100 16.76 -12.02 1.18
CA ALA A 100 17.11 -12.60 -0.10
C ALA A 100 18.62 -12.85 -0.15
N ARG A 101 18.99 -13.99 -0.71
CA ARG A 101 20.39 -14.40 -0.79
C ARG A 101 20.98 -13.99 -2.14
N GLU A 102 22.23 -13.56 -2.12
CA GLU A 102 22.96 -13.15 -3.31
C GLU A 102 24.26 -13.93 -3.40
N ASN A 103 24.62 -14.34 -4.61
CA ASN A 103 25.82 -15.14 -4.80
C ASN A 103 27.08 -14.30 -4.60
N LEU A 104 28.11 -14.93 -4.05
CA LEU A 104 29.37 -14.28 -3.75
C LEU A 104 30.51 -15.02 -4.43
N ASP A 105 31.45 -14.26 -4.99
CA ASP A 105 32.64 -14.83 -5.60
C ASP A 105 33.80 -13.87 -5.39
N ASN A 106 35.02 -14.40 -5.52
CA ASN A 106 36.20 -13.61 -5.21
C ASN A 106 37.39 -14.09 -6.04
N SER A 107 38.51 -13.38 -5.91
CA SER A 107 39.78 -13.74 -6.52
C SER A 107 40.91 -13.76 -5.50
N GLY A 108 40.59 -13.74 -4.20
CA GLY A 108 41.60 -13.62 -3.17
C GLY A 108 41.26 -12.52 -2.18
N THR A 109 41.60 -11.28 -2.56
CA THR A 109 41.29 -10.13 -1.73
C THR A 109 40.13 -9.29 -2.24
N TYR A 110 39.72 -9.47 -3.50
CA TYR A 110 38.63 -8.72 -4.10
C TYR A 110 37.42 -9.63 -4.26
N TYR A 111 36.28 -9.20 -3.72
CA TYR A 111 35.05 -9.99 -3.71
C TYR A 111 33.97 -9.24 -4.48
N TYR A 112 33.31 -9.95 -5.39
CA TYR A 112 32.28 -9.37 -6.24
C TYR A 112 30.97 -10.12 -6.09
N PHE A 113 29.87 -9.43 -6.40
CA PHE A 113 28.53 -9.95 -6.20
C PHE A 113 27.87 -10.24 -7.55
N SER A 114 26.87 -11.13 -7.51
CA SER A 114 26.21 -11.55 -8.74
C SER A 114 25.25 -10.51 -9.29
N GLY A 115 24.59 -9.74 -8.41
CA GLY A 115 23.65 -8.74 -8.83
C GLY A 115 22.19 -9.15 -8.81
N TRP A 116 21.91 -10.45 -8.66
CA TRP A 116 20.54 -10.95 -8.63
C TRP A 116 20.31 -11.72 -7.32
N PHE A 117 19.04 -11.80 -6.93
CA PHE A 117 18.64 -12.35 -5.65
C PHE A 117 17.89 -13.67 -5.85
N ASP A 118 18.35 -14.73 -5.16
CA ASP A 118 17.75 -16.05 -5.18
C ASP A 118 18.49 -16.96 -4.20
N PRO A 119 17.79 -17.66 -3.30
CA PRO A 119 16.33 -17.63 -3.14
C PRO A 119 15.85 -16.53 -2.20
N TRP A 120 14.56 -16.53 -1.87
CA TRP A 120 13.96 -15.54 -0.99
C TRP A 120 13.31 -16.22 0.20
N GLY A 121 13.20 -15.48 1.31
CA GLY A 121 12.40 -15.92 2.42
C GLY A 121 10.92 -15.71 2.18
N GLN A 122 10.11 -16.33 3.04
CA GLN A 122 8.66 -16.23 2.86
C GLN A 122 8.11 -14.86 3.19
N GLY A 123 8.88 -14.00 3.84
CA GLY A 123 8.40 -12.67 4.17
C GLY A 123 7.82 -12.59 5.57
N THR A 124 8.04 -11.45 6.21
CA THR A 124 7.56 -11.20 7.57
C THR A 124 6.80 -9.89 7.59
N LEU A 125 5.58 -9.92 8.12
CA LEU A 125 4.73 -8.75 8.21
C LEU A 125 5.01 -8.00 9.51
N VAL A 126 5.17 -6.68 9.40
CA VAL A 126 5.34 -5.81 10.55
C VAL A 126 4.32 -4.68 10.43
N THR A 127 3.51 -4.51 11.47
CA THR A 127 2.46 -3.49 11.50
C THR A 127 2.79 -2.46 12.56
N VAL A 128 2.96 -1.21 12.14
CA VAL A 128 3.17 -0.09 13.04
C VAL A 128 1.93 0.81 12.94
N SER A 129 1.12 0.82 13.99
CA SER A 129 -0.10 1.61 14.02
C SER A 129 -0.19 2.38 15.33
N SER A 130 -0.72 3.59 15.25
CA SER A 130 -0.99 4.41 16.42
C SER A 130 -2.47 4.33 16.76
N GLN A 131 -2.87 5.06 17.81
CA GLN A 131 -4.26 5.10 18.22
C GLN A 131 -5.01 6.15 17.40
N SER A 132 -6.22 5.80 16.99
CA SER A 132 -7.05 6.68 16.19
C SER A 132 -7.98 7.48 17.09
N ALA A 133 -8.74 8.40 16.48
CA ALA A 133 -9.70 9.18 17.24
C ALA A 133 -10.82 8.29 17.80
N LEU A 134 -11.24 7.29 17.04
CA LEU A 134 -12.17 6.27 17.50
C LEU A 134 -11.43 4.94 17.63
N THR A 135 -11.80 4.15 18.64
CA THR A 135 -11.09 2.93 18.96
C THR A 135 -11.95 1.72 18.61
N GLN A 136 -11.43 0.85 17.75
CA GLN A 136 -12.03 -0.42 17.38
C GLN A 136 -11.07 -1.55 17.71
N PRO A 137 -11.56 -2.77 17.85
CA PRO A 137 -10.65 -3.92 17.96
C PRO A 137 -9.84 -4.09 16.68
N ARG A 138 -8.60 -4.53 16.83
CA ARG A 138 -7.74 -4.69 15.66
C ARG A 138 -8.30 -5.73 14.70
N SER A 139 -8.79 -6.85 15.23
CA SER A 139 -9.32 -7.90 14.38
C SER A 139 -10.33 -8.73 15.16
N VAL A 140 -11.27 -9.31 14.43
CA VAL A 140 -12.27 -10.22 14.98
C VAL A 140 -12.38 -11.41 14.03
N SER A 141 -12.72 -12.56 14.59
CA SER A 141 -12.83 -13.80 13.82
C SER A 141 -14.14 -14.49 14.14
N GLY A 142 -14.76 -15.04 13.10
CA GLY A 142 -16.02 -15.75 13.27
C GLY A 142 -16.15 -16.87 12.27
N SER A 143 -17.10 -17.75 12.55
CA SER A 143 -17.42 -18.88 11.70
C SER A 143 -18.68 -18.60 10.89
N PRO A 144 -18.85 -19.27 9.76
CA PRO A 144 -20.06 -19.06 8.95
C PRO A 144 -21.32 -19.38 9.74
N GLY A 145 -22.29 -18.46 9.66
CA GLY A 145 -23.56 -18.58 10.35
C GLY A 145 -23.62 -17.85 11.67
N GLN A 146 -22.48 -17.64 12.32
CA GLN A 146 -22.43 -17.01 13.63
C GLN A 146 -22.61 -15.50 13.50
N SER A 147 -22.64 -14.83 14.66
CA SER A 147 -22.74 -13.38 14.72
C SER A 147 -21.47 -12.80 15.32
N VAL A 148 -21.09 -11.63 14.85
CA VAL A 148 -19.96 -10.88 15.38
C VAL A 148 -20.38 -9.42 15.59
N THR A 149 -19.79 -8.79 16.59
CA THR A 149 -20.06 -7.40 16.91
C THR A 149 -18.75 -6.64 16.99
N ILE A 150 -18.66 -5.53 16.25
CA ILE A 150 -17.49 -4.67 16.21
C ILE A 150 -17.85 -3.37 16.91
N SER A 151 -17.14 -3.08 18.01
CA SER A 151 -17.42 -1.88 18.79
C SER A 151 -16.57 -0.72 18.29
N CYS A 152 -17.02 0.49 18.62
CA CYS A 152 -16.34 1.72 18.22
C CYS A 152 -16.56 2.76 19.31
N THR A 153 -15.50 3.18 19.98
CA THR A 153 -15.59 4.06 21.14
C THR A 153 -14.98 5.42 20.84
N GLY A 154 -15.69 6.47 21.23
CA GLY A 154 -15.21 7.83 21.06
C GLY A 154 -15.45 8.68 22.30
N THR A 155 -15.66 9.98 22.10
CA THR A 155 -15.90 10.91 23.18
C THR A 155 -17.31 11.48 23.07
N SER A 156 -17.71 12.23 24.09
CA SER A 156 -19.05 12.81 24.14
C SER A 156 -19.27 13.90 23.10
N SER A 157 -18.25 14.30 22.35
CA SER A 157 -18.38 15.33 21.33
C SER A 157 -18.44 14.77 19.92
N ASP A 158 -18.51 13.44 19.77
CA ASP A 158 -18.73 12.83 18.46
C ASP A 158 -19.81 11.77 18.50
N ILE A 159 -19.49 10.55 18.94
CA ILE A 159 -20.54 9.53 19.07
C ILE A 159 -21.49 9.88 20.21
N GLY A 160 -20.99 10.53 21.27
CA GLY A 160 -21.84 10.81 22.42
C GLY A 160 -22.74 12.01 22.27
N GLY A 161 -22.49 12.86 21.27
CA GLY A 161 -23.28 14.07 21.14
C GLY A 161 -24.08 14.16 19.85
N TYR A 162 -23.89 13.20 18.96
CA TYR A 162 -24.57 13.21 17.66
C TYR A 162 -24.96 11.79 17.27
N ASN A 163 -25.88 11.71 16.31
CA ASN A 163 -26.32 10.44 15.76
C ASN A 163 -25.62 10.08 14.46
N PHE A 164 -24.67 10.90 14.02
CA PHE A 164 -24.03 10.72 12.71
C PHE A 164 -22.85 9.76 12.83
N VAL A 165 -23.19 8.48 12.97
CA VAL A 165 -22.21 7.40 12.98
C VAL A 165 -22.45 6.54 11.74
N SER A 166 -21.37 6.24 11.01
CA SER A 166 -21.47 5.46 9.80
C SER A 166 -20.39 4.38 9.80
N TRP A 167 -20.67 3.29 9.07
CA TRP A 167 -19.77 2.15 8.98
C TRP A 167 -19.44 1.86 7.52
N TYR A 168 -18.18 1.48 7.27
CA TYR A 168 -17.68 1.27 5.92
C TYR A 168 -16.96 -0.07 5.81
N GLN A 169 -17.27 -0.80 4.74
CA GLN A 169 -16.62 -2.07 4.45
C GLN A 169 -15.67 -1.90 3.27
N GLN A 170 -14.48 -2.48 3.38
CA GLN A 170 -13.45 -2.34 2.35
C GLN A 170 -12.83 -3.70 2.05
N HIS A 171 -12.98 -4.14 0.82
CA HIS A 171 -12.30 -5.34 0.35
C HIS A 171 -10.95 -4.96 -0.26
N PRO A 172 -10.00 -5.89 -0.23
CA PRO A 172 -8.64 -5.57 -0.72
C PRO A 172 -8.66 -5.04 -2.14
N GLY A 173 -7.97 -3.92 -2.36
CA GLY A 173 -7.86 -3.31 -3.66
C GLY A 173 -9.06 -2.49 -4.11
N LYS A 174 -10.05 -2.31 -3.25
CA LYS A 174 -11.27 -1.59 -3.62
C LYS A 174 -11.47 -0.39 -2.70
N ALA A 175 -12.41 0.47 -3.10
CA ALA A 175 -12.77 1.63 -2.29
C ALA A 175 -13.73 1.21 -1.19
N PRO A 176 -13.79 1.98 -0.10
CA PRO A 176 -14.75 1.68 0.96
C PRO A 176 -16.18 1.73 0.45
N LYS A 177 -17.04 0.90 1.04
CA LYS A 177 -18.45 0.83 0.67
C LYS A 177 -19.30 1.07 1.90
N LEU A 178 -20.29 1.95 1.78
CA LEU A 178 -21.10 2.35 2.92
C LEU A 178 -22.07 1.23 3.30
N MET A 179 -22.01 0.79 4.55
CA MET A 179 -22.88 -0.26 5.07
C MET A 179 -23.94 0.24 6.03
N ILE A 180 -23.64 1.27 6.81
CA ILE A 180 -24.55 1.82 7.81
C ILE A 180 -24.32 3.32 7.87
N TYR A 181 -25.40 4.09 7.92
CA TYR A 181 -25.31 5.53 8.16
C TYR A 181 -26.38 5.93 9.16
N ASP A 182 -26.18 7.09 9.78
CA ASP A 182 -27.08 7.60 10.81
C ASP A 182 -27.24 6.57 11.94
N ALA A 183 -26.13 5.92 12.28
CA ALA A 183 -26.02 4.96 13.39
C ALA A 183 -26.78 3.65 13.13
N THR A 184 -27.96 3.71 12.52
CA THR A 184 -28.81 2.54 12.41
C THR A 184 -29.35 2.25 11.03
N LYS A 185 -29.23 3.16 10.07
CA LYS A 185 -29.91 3.02 8.79
C LYS A 185 -29.04 2.25 7.79
N ARG A 186 -29.69 1.41 7.00
CA ARG A 186 -29.01 0.64 5.96
C ARG A 186 -29.25 1.28 4.60
N PRO A 187 -28.21 1.52 3.82
CA PRO A 187 -28.42 1.98 2.44
C PRO A 187 -28.94 0.85 1.57
N SER A 188 -29.46 1.23 0.40
CA SER A 188 -30.03 0.26 -0.52
C SER A 188 -28.97 -0.73 -0.99
N GLY A 189 -29.35 -2.00 -1.04
CA GLY A 189 -28.45 -3.05 -1.48
C GLY A 189 -27.58 -3.65 -0.40
N VAL A 190 -27.76 -3.25 0.84
CA VAL A 190 -27.01 -3.81 1.98
C VAL A 190 -27.91 -4.80 2.70
N PRO A 191 -27.48 -6.05 2.88
CA PRO A 191 -28.37 -7.05 3.48
C PRO A 191 -28.75 -6.71 4.91
N ASP A 192 -29.90 -7.22 5.34
CA ASP A 192 -30.39 -6.99 6.70
C ASP A 192 -29.56 -7.71 7.76
N ARG A 193 -28.58 -8.53 7.36
CA ARG A 193 -27.66 -9.11 8.33
C ARG A 193 -26.80 -8.07 9.01
N PHE A 194 -26.59 -6.92 8.38
CA PHE A 194 -25.82 -5.83 8.95
C PHE A 194 -26.73 -4.89 9.70
N SER A 195 -26.38 -4.57 10.95
CA SER A 195 -27.18 -3.67 11.75
C SER A 195 -26.25 -2.84 12.63
N GLY A 196 -26.73 -1.67 13.04
CA GLY A 196 -25.94 -0.76 13.84
C GLY A 196 -26.73 -0.25 15.03
N SER A 197 -26.00 0.12 16.08
CA SER A 197 -26.59 0.67 17.28
C SER A 197 -25.60 1.63 17.92
N LYS A 198 -26.09 2.41 18.88
CA LYS A 198 -25.29 3.46 19.51
C LYS A 198 -25.75 3.62 20.94
N SER A 199 -24.78 3.76 21.85
CA SER A 199 -25.09 3.88 23.28
C SER A 199 -23.95 4.63 23.96
N GLY A 200 -24.28 5.76 24.57
CA GLY A 200 -23.24 6.57 25.20
C GLY A 200 -22.23 7.04 24.17
N ASN A 201 -20.96 6.77 24.43
CA ASN A 201 -19.87 7.12 23.53
C ASN A 201 -19.41 5.93 22.69
N THR A 202 -20.22 4.88 22.60
CA THR A 202 -19.86 3.66 21.90
C THR A 202 -20.91 3.34 20.84
N ALA A 203 -20.44 3.05 19.63
CA ALA A 203 -21.28 2.56 18.54
C ALA A 203 -20.89 1.12 18.22
N SER A 204 -21.84 0.38 17.65
CA SER A 204 -21.64 -1.04 17.41
C SER A 204 -22.18 -1.44 16.04
N LEU A 205 -21.44 -2.29 15.34
CA LEU A 205 -21.87 -2.91 14.09
C LEU A 205 -21.95 -4.41 14.30
N THR A 206 -23.13 -4.98 14.04
CA THR A 206 -23.37 -6.41 14.18
C THR A 206 -23.65 -7.02 12.83
N ILE A 207 -23.04 -8.17 12.56
CA ILE A 207 -23.24 -8.93 11.34
C ILE A 207 -23.72 -10.32 11.74
N SER A 208 -24.97 -10.63 11.43
CA SER A 208 -25.51 -11.96 11.63
C SER A 208 -25.35 -12.79 10.38
N GLY A 209 -25.51 -14.12 10.53
CA GLY A 209 -25.37 -15.03 9.42
C GLY A 209 -24.11 -14.80 8.62
N LEU A 210 -22.97 -14.81 9.31
CA LEU A 210 -21.69 -14.49 8.70
C LEU A 210 -21.43 -15.35 7.47
N GLN A 211 -21.06 -14.69 6.37
CA GLN A 211 -20.72 -15.36 5.13
C GLN A 211 -19.27 -15.08 4.78
N ALA A 212 -18.72 -15.93 3.91
CA ALA A 212 -17.31 -15.79 3.53
C ALA A 212 -17.03 -14.44 2.89
N GLU A 213 -18.00 -13.90 2.14
CA GLU A 213 -17.80 -12.61 1.49
C GLU A 213 -17.71 -11.46 2.49
N ASP A 214 -18.14 -11.68 3.74
CA ASP A 214 -18.04 -10.63 4.75
C ASP A 214 -16.62 -10.39 5.23
N GLU A 215 -15.68 -11.25 4.86
CA GLU A 215 -14.28 -11.07 5.24
C GLU A 215 -13.73 -9.83 4.54
N ALA A 216 -13.44 -8.80 5.32
CA ALA A 216 -12.99 -7.51 4.79
C ALA A 216 -12.53 -6.64 5.97
N ASP A 217 -12.20 -5.38 5.67
CA ASP A 217 -11.89 -4.39 6.67
C ASP A 217 -13.11 -3.51 6.91
N TYR A 218 -13.38 -3.20 8.18
CA TYR A 218 -14.51 -2.37 8.57
C TYR A 218 -14.03 -1.18 9.38
N TYR A 219 -14.52 0.01 9.02
CA TYR A 219 -14.17 1.25 9.69
C TYR A 219 -15.44 1.94 10.18
N CYS A 220 -15.39 2.45 11.41
CA CYS A 220 -16.44 3.33 11.90
C CYS A 220 -16.06 4.79 11.65
N CYS A 221 -17.07 5.64 11.54
CA CYS A 221 -16.86 7.04 11.18
C CYS A 221 -17.93 7.89 11.85
N SER A 222 -17.52 9.02 12.42
CA SER A 222 -18.44 9.85 13.18
C SER A 222 -18.23 11.33 12.85
N TYR A 223 -19.33 12.08 12.84
CA TYR A 223 -19.27 13.53 12.84
C TYR A 223 -18.42 14.02 14.00
N ALA A 224 -17.46 14.90 13.70
CA ALA A 224 -16.48 15.35 14.69
C ALA A 224 -16.93 16.62 15.41
N GLY A 225 -18.23 16.81 15.61
CA GLY A 225 -18.73 17.95 16.33
C GLY A 225 -18.82 19.20 15.46
N ASP A 226 -19.57 20.18 15.96
CA ASP A 226 -19.74 21.42 15.22
C ASP A 226 -18.50 22.30 15.29
N TYR A 227 -17.81 22.30 16.44
CA TYR A 227 -16.62 23.12 16.60
C TYR A 227 -15.44 22.58 15.81
N THR A 228 -15.47 21.31 15.42
CA THR A 228 -14.43 20.70 14.59
C THR A 228 -15.11 20.10 13.37
N PRO A 229 -15.27 20.86 12.29
CA PRO A 229 -15.94 20.34 11.10
C PRO A 229 -15.19 19.16 10.51
N GLY A 230 -15.95 18.24 9.91
CA GLY A 230 -15.40 17.04 9.34
C GLY A 230 -15.76 15.81 10.16
N VAL A 231 -15.11 14.70 9.81
CA VAL A 231 -15.36 13.42 10.46
C VAL A 231 -14.05 12.85 10.98
N VAL A 232 -14.18 11.91 11.92
CA VAL A 232 -13.06 11.12 12.42
C VAL A 232 -13.36 9.67 12.09
N PHE A 233 -12.29 8.89 11.93
CA PHE A 233 -12.39 7.48 11.59
C PHE A 233 -11.77 6.63 12.69
N GLY A 234 -12.31 5.41 12.84
CA GLY A 234 -11.63 4.43 13.67
C GLY A 234 -10.48 3.77 12.93
N GLY A 235 -9.65 3.06 13.69
CA GLY A 235 -8.45 2.47 13.11
C GLY A 235 -8.71 1.32 12.16
N GLY A 236 -9.92 0.76 12.19
CA GLY A 236 -10.24 -0.35 11.31
C GLY A 236 -10.17 -1.68 12.01
N THR A 237 -11.02 -2.61 11.58
CA THR A 237 -11.09 -3.95 12.15
C THR A 237 -11.04 -4.95 11.00
N LYS A 238 -10.06 -5.86 11.06
CA LYS A 238 -9.95 -6.93 10.08
C LYS A 238 -10.83 -8.10 10.52
N LEU A 239 -11.82 -8.44 9.72
CA LEU A 239 -12.74 -9.53 10.02
C LEU A 239 -12.39 -10.75 9.18
N THR A 240 -12.04 -11.84 9.85
CA THR A 240 -11.72 -13.10 9.20
C THR A 240 -12.86 -14.09 9.39
N VAL A 241 -13.28 -14.72 8.29
CA VAL A 241 -14.29 -15.76 8.33
C VAL A 241 -13.57 -17.09 8.15
N LEU A 242 -13.60 -17.92 9.19
CA LEU A 242 -12.90 -19.21 9.19
C LEU A 242 -13.83 -20.26 8.60
N GLY A 243 -13.65 -20.56 7.32
CA GLY A 243 -14.46 -21.55 6.64
C GLY A 243 -14.25 -22.96 7.15
N VAL B 5 -24.38 7.30 -10.68
CA VAL B 5 -23.29 8.27 -10.72
C VAL B 5 -21.95 7.59 -10.47
N GLN B 6 -20.99 7.85 -11.35
CA GLN B 6 -19.65 7.30 -11.24
C GLN B 6 -18.65 8.42 -10.98
N LEU B 7 -17.73 8.17 -10.05
CA LEU B 7 -16.67 9.11 -9.72
C LEU B 7 -15.37 8.57 -10.28
N VAL B 8 -14.71 9.36 -11.13
CA VAL B 8 -13.46 8.97 -11.78
C VAL B 8 -12.37 9.92 -11.33
N GLN B 9 -11.24 9.38 -10.91
CA GLN B 9 -10.12 10.16 -10.41
C GLN B 9 -8.96 10.11 -11.40
N SER B 10 -8.06 11.08 -11.26
CA SER B 10 -6.88 11.15 -12.11
C SER B 10 -5.92 10.00 -11.79
N GLY B 11 -4.96 9.80 -12.69
CA GLY B 11 -4.08 8.65 -12.58
C GLY B 11 -3.06 8.77 -11.47
N ALA B 12 -2.35 7.67 -11.24
CA ALA B 12 -1.35 7.59 -10.17
C ALA B 12 -0.26 8.63 -10.40
N GLU B 13 0.43 8.96 -9.30
CA GLU B 13 1.39 10.06 -9.31
C GLU B 13 2.65 9.66 -8.58
N VAL B 14 3.79 10.13 -9.08
CA VAL B 14 5.10 9.90 -8.47
C VAL B 14 5.75 11.27 -8.30
N LYS B 15 5.87 11.72 -7.05
CA LYS B 15 6.43 13.03 -6.75
C LYS B 15 7.57 12.90 -5.75
N LYS B 16 8.49 13.87 -5.80
CA LYS B 16 9.61 14.01 -4.88
C LYS B 16 9.22 14.86 -3.68
N PRO B 17 9.81 14.60 -2.52
CA PRO B 17 9.44 15.36 -1.31
C PRO B 17 9.71 16.85 -1.48
N GLY B 18 8.75 17.65 -1.04
CA GLY B 18 8.85 19.10 -1.12
C GLY B 18 8.02 19.74 -2.22
N SER B 19 7.49 18.96 -3.14
CA SER B 19 6.70 19.48 -4.25
C SER B 19 5.21 19.37 -3.93
N SER B 20 4.37 19.68 -4.92
CA SER B 20 2.93 19.62 -4.78
C SER B 20 2.36 18.67 -5.81
N VAL B 21 1.05 18.41 -5.70
CA VAL B 21 0.37 17.46 -6.57
C VAL B 21 -1.11 17.82 -6.64
N LYS B 22 -1.68 17.71 -7.84
CA LYS B 22 -3.10 17.94 -8.08
C LYS B 22 -3.79 16.63 -8.42
N VAL B 23 -4.84 16.31 -7.69
CA VAL B 23 -5.68 15.15 -7.97
C VAL B 23 -7.07 15.65 -8.33
N SER B 24 -7.63 15.10 -9.41
CA SER B 24 -8.95 15.50 -9.88
C SER B 24 -9.95 14.37 -9.62
N CYS B 25 -11.23 14.76 -9.55
CA CYS B 25 -12.31 13.82 -9.28
C CYS B 25 -13.53 14.29 -10.08
N LYS B 26 -13.74 13.69 -11.24
CA LYS B 26 -14.80 14.07 -12.15
C LYS B 26 -16.01 13.16 -11.95
N ALA B 27 -17.19 13.77 -11.86
CA ALA B 27 -18.43 13.04 -11.62
C ALA B 27 -19.19 12.84 -12.93
N SER B 28 -19.79 11.65 -13.07
CA SER B 28 -20.58 11.32 -14.25
C SER B 28 -22.04 11.72 -14.13
N GLY B 29 -22.51 12.04 -12.93
CA GLY B 29 -23.87 12.50 -12.75
C GLY B 29 -23.99 14.01 -12.78
N GLY B 30 -25.12 14.49 -13.27
CA GLY B 30 -25.36 15.92 -13.36
C GLY B 30 -25.60 16.58 -12.02
N THR B 31 -26.34 17.69 -12.03
CA THR B 31 -26.66 18.48 -10.84
C THR B 31 -25.48 18.56 -9.86
N PHE B 32 -24.40 19.14 -10.38
CA PHE B 32 -23.14 19.18 -9.63
C PHE B 32 -23.32 19.92 -8.30
N ASN B 33 -24.13 20.97 -8.28
CA ASN B 33 -24.37 21.75 -7.06
C ASN B 33 -25.09 20.95 -5.99
N ARG B 34 -25.66 19.79 -6.33
CA ARG B 34 -26.46 19.04 -5.38
C ARG B 34 -25.61 18.33 -4.34
N TYR B 35 -24.37 17.98 -4.67
CA TYR B 35 -23.52 17.15 -3.83
C TYR B 35 -22.35 17.93 -3.27
N THR B 36 -21.74 17.37 -2.23
CA THR B 36 -20.47 17.83 -1.69
C THR B 36 -19.40 16.77 -1.93
N VAL B 37 -18.15 17.21 -2.06
CA VAL B 37 -17.03 16.33 -2.37
C VAL B 37 -16.08 16.32 -1.18
N ASN B 38 -15.75 15.11 -0.71
CA ASN B 38 -14.81 14.92 0.38
C ASN B 38 -13.60 14.16 -0.13
N TRP B 39 -12.46 14.40 0.51
CA TRP B 39 -11.22 13.70 0.19
C TRP B 39 -10.77 12.90 1.41
N VAL B 40 -10.61 11.59 1.23
CA VAL B 40 -10.17 10.69 2.28
C VAL B 40 -8.98 9.91 1.75
N ARG B 41 -7.89 9.90 2.52
CA ARG B 41 -6.67 9.22 2.13
C ARG B 41 -6.44 8.00 3.03
N GLN B 42 -5.68 7.05 2.50
CA GLN B 42 -5.39 5.79 3.19
C GLN B 42 -3.96 5.39 2.87
N ALA B 43 -3.10 5.39 3.89
CA ALA B 43 -1.72 4.97 3.73
C ALA B 43 -1.66 3.45 3.60
N PRO B 44 -0.62 2.92 2.96
CA PRO B 44 -0.51 1.46 2.78
C PRO B 44 -0.52 0.73 4.11
N GLY B 45 -1.50 -0.17 4.27
CA GLY B 45 -1.66 -0.90 5.51
C GLY B 45 -2.15 -0.06 6.67
N GLN B 46 -2.80 1.07 6.40
CA GLN B 46 -3.27 1.97 7.43
C GLN B 46 -4.77 2.20 7.25
N GLY B 47 -5.35 3.00 8.15
CA GLY B 47 -6.76 3.30 8.11
C GLY B 47 -7.07 4.59 7.38
N LEU B 48 -8.36 4.88 7.27
CA LEU B 48 -8.83 6.05 6.54
C LEU B 48 -8.65 7.31 7.37
N GLU B 49 -8.41 8.43 6.68
CA GLU B 49 -8.19 9.71 7.33
C GLU B 49 -8.88 10.79 6.51
N TRP B 50 -9.78 11.54 7.15
CA TRP B 50 -10.47 12.63 6.48
C TRP B 50 -9.54 13.82 6.34
N MET B 51 -9.48 14.40 5.14
CA MET B 51 -8.63 15.54 4.85
C MET B 51 -9.40 16.84 4.70
N GLY B 52 -10.51 16.83 3.98
CA GLY B 52 -11.28 18.03 3.77
C GLY B 52 -12.39 17.78 2.78
N GLY B 53 -13.28 18.77 2.70
CA GLY B 53 -14.41 18.71 1.79
C GLY B 53 -14.73 20.07 1.23
N ILE B 54 -15.58 20.08 0.20
CA ILE B 54 -16.02 21.31 -0.45
C ILE B 54 -17.51 21.21 -0.78
N ILE B 55 -18.19 22.34 -0.69
CA ILE B 55 -19.61 22.45 -1.05
C ILE B 55 -19.72 23.44 -2.19
N PRO B 56 -19.95 22.95 -3.41
CA PRO B 56 -20.05 23.86 -4.56
C PRO B 56 -21.08 24.98 -4.41
N ILE B 57 -22.18 24.74 -3.70
CA ILE B 57 -23.23 25.76 -3.61
C ILE B 57 -22.76 26.94 -2.75
N PHE B 58 -22.20 26.65 -1.57
CA PHE B 58 -21.77 27.69 -0.66
C PHE B 58 -20.41 28.27 -1.01
N GLY B 59 -19.65 27.61 -1.88
CA GLY B 59 -18.27 28.03 -2.10
C GLY B 59 -17.39 27.84 -0.89
N THR B 60 -17.76 26.95 0.02
CA THR B 60 -17.08 26.75 1.28
C THR B 60 -16.27 25.46 1.24
N ALA B 61 -15.12 25.47 1.91
CA ALA B 61 -14.28 24.30 2.02
C ALA B 61 -13.64 24.29 3.41
N ASN B 62 -13.67 23.13 4.06
CA ASN B 62 -13.04 22.95 5.36
C ASN B 62 -11.96 21.90 5.25
N TYR B 63 -10.91 22.05 6.06
CA TYR B 63 -9.78 21.14 6.06
C TYR B 63 -9.48 20.69 7.49
N ALA B 64 -8.89 19.51 7.60
CA ALA B 64 -8.44 19.03 8.91
C ALA B 64 -7.31 19.92 9.43
N GLN B 65 -7.06 19.82 10.73
CA GLN B 65 -6.13 20.76 11.37
C GLN B 65 -4.68 20.53 10.93
N ARG B 66 -4.33 19.29 10.57
CA ARG B 66 -2.96 18.99 10.18
C ARG B 66 -2.68 19.30 8.71
N PHE B 67 -3.72 19.52 7.90
CA PHE B 67 -3.53 19.87 6.50
C PHE B 67 -3.80 21.34 6.21
N GLN B 68 -4.26 22.10 7.20
CA GLN B 68 -4.43 23.54 7.01
C GLN B 68 -3.10 24.19 6.73
N GLY B 69 -3.01 24.90 5.61
CA GLY B 69 -1.78 25.51 5.15
C GLY B 69 -1.07 24.75 4.05
N ARG B 70 -1.37 23.45 3.90
CA ARG B 70 -0.79 22.64 2.84
C ARG B 70 -1.82 22.03 1.91
N LEU B 71 -3.11 22.25 2.16
CA LEU B 71 -4.18 21.62 1.39
C LEU B 71 -5.16 22.67 0.93
N THR B 72 -5.59 22.56 -0.32
CA THR B 72 -6.66 23.38 -0.87
C THR B 72 -7.52 22.53 -1.79
N ILE B 73 -8.83 22.69 -1.69
CA ILE B 73 -9.79 21.87 -2.44
C ILE B 73 -10.68 22.81 -3.24
N THR B 74 -10.70 22.61 -4.56
CA THR B 74 -11.47 23.44 -5.48
C THR B 74 -12.47 22.58 -6.24
N ALA B 75 -13.29 23.23 -7.07
CA ALA B 75 -14.30 22.55 -7.85
C ALA B 75 -14.74 23.46 -9.00
N ASP B 76 -14.97 22.86 -10.16
CA ASP B 76 -15.44 23.58 -11.35
C ASP B 76 -16.71 22.91 -11.82
N GLU B 77 -17.83 23.63 -11.75
CA GLU B 77 -19.12 23.04 -12.09
C GLU B 77 -19.28 22.83 -13.59
N SER B 78 -18.56 23.60 -14.41
CA SER B 78 -18.68 23.44 -15.85
C SER B 78 -18.17 22.08 -16.31
N THR B 79 -17.19 21.51 -15.60
CA THR B 79 -16.72 20.17 -15.87
C THR B 79 -17.13 19.17 -14.81
N SER B 80 -17.82 19.61 -13.76
CA SER B 80 -18.29 18.74 -12.68
C SER B 80 -17.13 17.96 -12.07
N THR B 81 -15.99 18.62 -11.91
CA THR B 81 -14.78 18.01 -11.40
C THR B 81 -14.32 18.73 -10.15
N ALA B 82 -13.89 17.96 -9.15
CA ALA B 82 -13.33 18.49 -7.92
C ALA B 82 -11.83 18.20 -7.87
N TYR B 83 -11.09 19.09 -7.23
CA TYR B 83 -9.64 19.01 -7.18
C TYR B 83 -9.15 19.11 -5.75
N MET B 84 -7.97 18.52 -5.50
CA MET B 84 -7.28 18.67 -4.23
C MET B 84 -5.81 18.94 -4.51
N GLU B 85 -5.19 19.77 -3.67
CA GLU B 85 -3.78 20.13 -3.81
C GLU B 85 -3.09 19.94 -2.48
N LEU B 86 -2.12 19.03 -2.43
CA LEU B 86 -1.29 18.83 -1.25
C LEU B 86 0.12 19.34 -1.56
N SER B 87 0.56 20.34 -0.81
CA SER B 87 1.89 20.92 -0.97
C SER B 87 2.80 20.46 0.15
N SER B 88 4.10 20.70 -0.04
CA SER B 88 5.13 20.30 0.93
C SER B 88 5.04 18.82 1.24
N LEU B 89 5.06 18.01 0.17
CA LEU B 89 4.91 16.57 0.30
C LEU B 89 6.08 15.96 1.07
N ARG B 90 5.80 14.86 1.76
CA ARG B 90 6.83 14.07 2.42
C ARG B 90 6.45 12.60 2.35
N SER B 91 7.31 11.75 2.92
CA SER B 91 7.15 10.32 2.75
C SER B 91 5.87 9.81 3.39
N ASP B 92 5.47 10.39 4.52
CA ASP B 92 4.25 9.95 5.19
C ASP B 92 2.98 10.36 4.45
N ASP B 93 3.10 11.09 3.34
CA ASP B 93 1.96 11.43 2.50
C ASP B 93 1.67 10.37 1.44
N THR B 94 2.50 9.34 1.34
CA THR B 94 2.29 8.26 0.38
C THR B 94 1.03 7.50 0.76
N ALA B 95 -0.01 7.61 -0.07
CA ALA B 95 -1.30 7.03 0.26
C ALA B 95 -2.15 6.98 -1.00
N VAL B 96 -3.23 6.21 -0.91
CA VAL B 96 -4.28 6.25 -1.91
C VAL B 96 -5.29 7.31 -1.49
N TYR B 97 -5.56 8.25 -2.38
CA TYR B 97 -6.45 9.36 -2.09
C TYR B 97 -7.80 9.11 -2.76
N PHE B 98 -8.86 9.07 -1.95
CA PHE B 98 -10.22 8.82 -2.42
C PHE B 98 -11.03 10.11 -2.39
N CYS B 99 -11.88 10.28 -3.38
CA CYS B 99 -12.92 11.30 -3.34
C CYS B 99 -14.26 10.63 -3.10
N ALA B 100 -15.10 11.25 -2.27
CA ALA B 100 -16.39 10.67 -1.89
C ALA B 100 -17.44 11.77 -1.89
N ARG B 101 -18.65 11.40 -2.30
CA ARG B 101 -19.73 12.36 -2.50
C ARG B 101 -20.75 12.26 -1.37
N GLU B 102 -21.40 13.39 -1.07
CA GLU B 102 -22.46 13.47 -0.08
C GLU B 102 -23.68 14.10 -0.74
N ASN B 103 -24.78 13.35 -0.77
CA ASN B 103 -26.02 13.86 -1.37
C ASN B 103 -26.73 14.76 -0.36
N LEU B 104 -26.97 16.00 -0.74
CA LEU B 104 -27.60 16.97 0.15
C LEU B 104 -29.12 16.89 0.16
N ASP B 105 -29.75 16.21 -0.80
CA ASP B 105 -31.19 16.02 -0.75
C ASP B 105 -31.59 15.28 0.51
N ASN B 106 -30.99 14.12 0.74
CA ASN B 106 -31.40 13.26 1.84
C ASN B 106 -30.77 13.69 3.16
N SER B 107 -29.52 14.16 3.12
CA SER B 107 -28.77 14.48 4.33
C SER B 107 -29.03 15.89 4.85
N GLY B 108 -29.78 16.71 4.13
CA GLY B 108 -30.01 18.08 4.53
C GLY B 108 -28.88 19.00 4.12
N THR B 109 -29.13 20.30 4.26
CA THR B 109 -28.19 21.32 3.84
C THR B 109 -27.35 21.88 4.99
N TYR B 110 -27.52 21.39 6.21
CA TYR B 110 -26.79 21.91 7.36
C TYR B 110 -25.67 20.99 7.82
N TYR B 111 -25.98 19.72 8.09
CA TYR B 111 -24.98 18.78 8.61
C TYR B 111 -24.21 18.15 7.44
N TYR B 112 -23.37 18.98 6.83
CA TYR B 112 -22.49 18.53 5.77
C TYR B 112 -21.17 18.05 6.35
N PHE B 113 -20.44 17.26 5.56
CA PHE B 113 -19.23 16.57 6.02
C PHE B 113 -19.50 15.75 7.27
N SER B 114 -20.63 15.03 7.25
CA SER B 114 -21.11 14.29 8.41
C SER B 114 -20.84 12.80 8.35
N GLY B 115 -20.35 12.29 7.21
CA GLY B 115 -19.98 10.90 7.10
C GLY B 115 -20.92 10.02 6.29
N TRP B 116 -21.86 10.60 5.54
CA TRP B 116 -22.74 9.83 4.67
C TRP B 116 -22.12 9.80 3.27
N PHE B 117 -21.04 9.03 3.15
CA PHE B 117 -20.17 9.06 1.97
C PHE B 117 -20.61 7.95 1.00
N ASP B 118 -21.14 8.36 -0.16
CA ASP B 118 -21.65 7.46 -1.19
C ASP B 118 -22.02 8.28 -2.42
N PRO B 119 -21.40 8.04 -3.59
CA PRO B 119 -20.41 7.00 -3.89
C PRO B 119 -18.96 7.43 -3.67
N TRP B 120 -18.03 6.58 -4.10
CA TRP B 120 -16.61 6.78 -3.91
C TRP B 120 -15.89 6.71 -5.24
N GLY B 121 -14.76 7.41 -5.33
CA GLY B 121 -13.87 7.24 -6.46
C GLY B 121 -13.05 5.98 -6.32
N GLN B 122 -12.37 5.62 -7.41
CA GLN B 122 -11.56 4.42 -7.41
C GLN B 122 -10.25 4.57 -6.64
N GLY B 123 -9.89 5.79 -6.27
CA GLY B 123 -8.66 6.04 -5.53
C GLY B 123 -7.52 6.42 -6.44
N THR B 124 -6.62 7.26 -5.91
CA THR B 124 -5.45 7.72 -6.65
C THR B 124 -4.21 7.53 -5.78
N LEU B 125 -3.27 6.73 -6.27
CA LEU B 125 -2.04 6.48 -5.52
C LEU B 125 -1.04 7.59 -5.77
N VAL B 126 -0.49 8.14 -4.68
CA VAL B 126 0.56 9.15 -4.75
C VAL B 126 1.73 8.65 -3.93
N THR B 127 2.87 8.44 -4.58
CA THR B 127 4.08 7.94 -3.95
C THR B 127 5.10 9.05 -3.83
N VAL B 128 5.60 9.27 -2.62
CA VAL B 128 6.63 10.27 -2.35
C VAL B 128 7.81 9.56 -1.70
N SER B 129 8.99 9.70 -2.31
CA SER B 129 10.18 9.05 -1.79
C SER B 129 11.40 9.80 -2.30
N SER B 130 12.39 9.98 -1.41
CA SER B 130 13.66 10.57 -1.84
C SER B 130 14.34 9.68 -2.88
N GLN B 131 14.33 8.37 -2.66
CA GLN B 131 14.81 7.43 -3.67
C GLN B 131 13.74 7.22 -4.73
N SER B 132 14.16 7.25 -6.00
CA SER B 132 13.26 7.17 -7.13
C SER B 132 13.31 5.77 -7.73
N ALA B 133 12.17 5.08 -7.74
CA ALA B 133 12.09 3.76 -8.32
C ALA B 133 11.97 3.86 -9.84
N LEU B 134 12.59 2.91 -10.54
CA LEU B 134 12.55 2.89 -11.99
C LEU B 134 11.11 2.87 -12.48
N THR B 135 10.88 3.46 -13.64
CA THR B 135 9.54 3.66 -14.18
C THR B 135 9.08 2.44 -14.96
N GLN B 136 7.97 1.85 -14.53
CA GLN B 136 7.27 0.79 -15.23
C GLN B 136 5.82 1.20 -15.44
N PRO B 137 5.17 0.71 -16.50
CA PRO B 137 3.72 0.88 -16.60
C PRO B 137 3.03 0.25 -15.40
N ARG B 138 1.98 0.92 -14.91
CA ARG B 138 1.31 0.43 -13.71
C ARG B 138 0.66 -0.92 -13.95
N SER B 139 0.03 -1.11 -15.10
CA SER B 139 -0.69 -2.34 -15.37
C SER B 139 -0.69 -2.62 -16.87
N VAL B 140 -0.72 -3.90 -17.21
CA VAL B 140 -0.80 -4.38 -18.59
C VAL B 140 -1.74 -5.58 -18.60
N SER B 141 -2.60 -5.66 -19.62
CA SER B 141 -3.57 -6.73 -19.74
C SER B 141 -3.40 -7.43 -21.08
N GLY B 142 -3.62 -8.75 -21.08
CA GLY B 142 -3.48 -9.54 -22.29
C GLY B 142 -4.37 -10.76 -22.24
N SER B 143 -4.55 -11.35 -23.42
CA SER B 143 -5.30 -12.57 -23.65
C SER B 143 -4.36 -13.76 -23.77
N PRO B 144 -4.81 -14.96 -23.40
CA PRO B 144 -3.93 -16.14 -23.49
C PRO B 144 -3.49 -16.39 -24.92
N GLY B 145 -2.22 -16.72 -25.08
CA GLY B 145 -1.61 -16.90 -26.38
C GLY B 145 -0.94 -15.67 -26.95
N GLN B 146 -1.33 -14.47 -26.49
CA GLN B 146 -0.76 -13.23 -27.00
C GLN B 146 0.59 -12.96 -26.36
N SER B 147 1.21 -11.85 -26.76
CA SER B 147 2.47 -11.39 -26.21
C SER B 147 2.29 -10.01 -25.60
N VAL B 148 3.05 -9.74 -24.53
CA VAL B 148 3.06 -8.44 -23.89
C VAL B 148 4.51 -8.08 -23.60
N THR B 149 4.80 -6.77 -23.65
CA THR B 149 6.13 -6.25 -23.36
C THR B 149 6.03 -5.21 -22.25
N ILE B 150 6.91 -5.32 -21.27
CA ILE B 150 6.92 -4.44 -20.11
C ILE B 150 8.25 -3.70 -20.08
N SER B 151 8.20 -2.37 -20.15
CA SER B 151 9.40 -1.57 -20.20
C SER B 151 9.84 -1.15 -18.81
N CYS B 152 11.12 -0.81 -18.69
CA CYS B 152 11.72 -0.32 -17.46
C CYS B 152 12.69 0.79 -17.81
N THR B 153 12.48 1.98 -17.25
CA THR B 153 13.23 3.17 -17.62
C THR B 153 13.70 3.89 -16.37
N GLY B 154 14.93 4.40 -16.42
CA GLY B 154 15.42 5.20 -15.31
C GLY B 154 14.63 6.49 -15.16
N THR B 155 14.44 6.90 -13.92
CA THR B 155 13.62 8.08 -13.63
C THR B 155 14.46 9.31 -13.30
N SER B 156 15.10 9.33 -12.14
CA SER B 156 15.96 10.46 -11.79
C SER B 156 17.30 10.39 -12.53
N SER B 157 17.88 9.20 -12.60
CA SER B 157 19.10 8.96 -13.37
C SER B 157 18.81 7.93 -14.45
N ASP B 158 19.64 7.95 -15.50
CA ASP B 158 19.43 7.05 -16.62
C ASP B 158 20.01 5.67 -16.33
N ILE B 159 19.45 4.67 -17.01
CA ILE B 159 20.01 3.33 -17.04
C ILE B 159 21.01 3.28 -18.17
N GLY B 160 22.14 2.61 -17.95
CA GLY B 160 23.17 2.52 -18.96
C GLY B 160 23.71 1.13 -19.18
N GLY B 161 24.82 1.03 -19.94
CA GLY B 161 25.41 -0.27 -20.21
C GLY B 161 26.04 -0.89 -18.99
N TYR B 162 26.49 -0.08 -18.03
CA TYR B 162 27.12 -0.58 -16.82
C TYR B 162 26.12 -1.09 -15.79
N ASN B 163 24.82 -0.97 -16.05
CA ASN B 163 23.80 -1.38 -15.10
C ASN B 163 23.44 -2.84 -15.31
N PHE B 164 23.40 -3.59 -14.20
CA PHE B 164 22.95 -4.98 -14.20
C PHE B 164 21.44 -4.99 -13.99
N VAL B 165 20.71 -5.58 -14.94
CA VAL B 165 19.25 -5.53 -14.94
C VAL B 165 18.69 -6.94 -14.71
N SER B 166 17.73 -7.03 -13.81
CA SER B 166 17.05 -8.29 -13.49
C SER B 166 15.55 -8.06 -13.46
N TRP B 167 14.79 -9.14 -13.65
CA TRP B 167 13.33 -9.10 -13.63
C TRP B 167 12.80 -10.15 -12.68
N TYR B 168 11.81 -9.77 -11.87
CA TYR B 168 11.23 -10.64 -10.87
C TYR B 168 9.72 -10.75 -11.06
N GLN B 169 9.20 -11.96 -10.86
CA GLN B 169 7.78 -12.25 -10.89
C GLN B 169 7.29 -12.53 -9.48
N GLN B 170 6.12 -11.98 -9.13
CA GLN B 170 5.59 -12.12 -7.78
C GLN B 170 4.10 -12.40 -7.84
N HIS B 171 3.68 -13.54 -7.29
CA HIS B 171 2.30 -13.93 -7.14
C HIS B 171 1.77 -13.48 -5.78
N PRO B 172 0.46 -13.24 -5.66
CA PRO B 172 -0.09 -12.71 -4.40
C PRO B 172 0.21 -13.62 -3.21
N GLY B 173 0.79 -13.02 -2.17
CA GLY B 173 1.15 -13.74 -0.97
C GLY B 173 2.47 -14.46 -1.01
N LYS B 174 3.19 -14.42 -2.12
CA LYS B 174 4.44 -15.15 -2.30
C LYS B 174 5.61 -14.19 -2.45
N ALA B 175 6.81 -14.71 -2.20
CA ALA B 175 8.02 -13.96 -2.43
C ALA B 175 8.27 -13.79 -3.93
N PRO B 176 9.01 -12.77 -4.33
CA PRO B 176 9.36 -12.64 -5.76
C PRO B 176 10.27 -13.76 -6.20
N LYS B 177 10.25 -14.03 -7.51
CA LYS B 177 11.03 -15.10 -8.09
C LYS B 177 11.71 -14.62 -9.36
N LEU B 178 12.99 -14.95 -9.51
CA LEU B 178 13.81 -14.39 -10.57
C LEU B 178 13.38 -14.92 -11.93
N MET B 179 13.06 -14.01 -12.85
CA MET B 179 12.67 -14.31 -14.22
C MET B 179 13.83 -14.17 -15.20
N ILE B 180 14.58 -13.08 -15.08
CA ILE B 180 15.61 -12.71 -16.03
C ILE B 180 16.74 -12.06 -15.25
N TYR B 181 17.97 -12.51 -15.51
CA TYR B 181 19.16 -11.85 -14.98
C TYR B 181 20.07 -11.43 -16.13
N ASP B 182 20.95 -10.47 -15.84
CA ASP B 182 21.85 -9.91 -16.84
C ASP B 182 21.09 -9.48 -18.10
N ALA B 183 19.92 -8.87 -17.88
CA ALA B 183 19.10 -8.24 -18.92
C ALA B 183 18.42 -9.25 -19.85
N THR B 184 19.14 -10.29 -20.29
CA THR B 184 18.60 -11.20 -21.29
C THR B 184 18.67 -12.68 -20.93
N LYS B 185 19.26 -13.04 -19.79
CA LYS B 185 19.55 -14.43 -19.48
C LYS B 185 18.48 -15.00 -18.56
N ARG B 186 18.02 -16.23 -18.89
CA ARG B 186 17.00 -16.96 -18.15
C ARG B 186 17.66 -17.94 -17.19
N PRO B 187 17.29 -17.94 -15.91
CA PRO B 187 17.86 -18.89 -14.96
C PRO B 187 17.24 -20.28 -15.15
N SER B 188 17.72 -21.21 -14.32
CA SER B 188 17.27 -22.60 -14.40
C SER B 188 15.76 -22.70 -14.23
N GLY B 189 15.11 -23.42 -15.14
CA GLY B 189 13.69 -23.71 -15.04
C GLY B 189 12.78 -22.75 -15.77
N VAL B 190 13.23 -21.53 -16.07
CA VAL B 190 12.36 -20.53 -16.67
C VAL B 190 12.19 -20.82 -18.16
N PRO B 191 10.95 -20.90 -18.67
CA PRO B 191 10.76 -21.20 -20.09
C PRO B 191 11.08 -20.01 -20.97
N ASP B 192 11.39 -20.31 -22.24
CA ASP B 192 11.81 -19.28 -23.20
C ASP B 192 10.68 -18.36 -23.62
N ARG B 193 9.45 -18.55 -23.13
CA ARG B 193 8.40 -17.56 -23.33
C ARG B 193 8.78 -16.22 -22.70
N PHE B 194 9.69 -16.21 -21.74
CA PHE B 194 10.16 -15.00 -21.10
C PHE B 194 11.50 -14.60 -21.70
N SER B 195 11.62 -13.34 -22.13
CA SER B 195 12.85 -12.85 -22.71
C SER B 195 13.03 -11.39 -22.35
N GLY B 196 14.28 -10.95 -22.33
CA GLY B 196 14.60 -9.58 -21.98
C GLY B 196 15.48 -8.94 -23.04
N SER B 197 15.51 -7.62 -23.00
CA SER B 197 16.36 -6.83 -23.90
C SER B 197 16.66 -5.50 -23.24
N LYS B 198 17.80 -4.92 -23.62
CA LYS B 198 18.26 -3.66 -23.05
C LYS B 198 18.85 -2.81 -24.16
N SER B 199 18.48 -1.53 -24.19
CA SER B 199 19.00 -0.60 -25.19
C SER B 199 19.06 0.78 -24.56
N GLY B 200 20.26 1.28 -24.33
CA GLY B 200 20.45 2.60 -23.76
C GLY B 200 19.73 2.80 -22.44
N ASN B 201 18.71 3.65 -22.45
CA ASN B 201 18.00 4.02 -21.23
C ASN B 201 16.86 3.06 -20.90
N THR B 202 16.48 2.17 -21.80
CA THR B 202 15.31 1.32 -21.60
C THR B 202 15.70 -0.15 -21.53
N ALA B 203 15.06 -0.86 -20.59
CA ALA B 203 15.11 -2.31 -20.53
C ALA B 203 13.68 -2.83 -20.64
N SER B 204 13.53 -4.03 -21.21
CA SER B 204 12.20 -4.55 -21.50
C SER B 204 12.12 -6.04 -21.18
N LEU B 205 10.94 -6.47 -20.75
CA LEU B 205 10.61 -7.86 -20.55
C LEU B 205 9.46 -8.24 -21.47
N THR B 206 9.62 -9.33 -22.21
CA THR B 206 8.59 -9.81 -23.12
C THR B 206 8.11 -11.18 -22.68
N ILE B 207 6.80 -11.34 -22.57
CA ILE B 207 6.16 -12.62 -22.26
C ILE B 207 5.29 -13.00 -23.44
N SER B 208 5.71 -14.06 -24.14
CA SER B 208 4.95 -14.58 -25.28
C SER B 208 4.19 -15.83 -24.86
N GLY B 209 3.18 -16.19 -25.67
CA GLY B 209 2.32 -17.31 -25.37
C GLY B 209 1.73 -17.22 -23.97
N LEU B 210 1.03 -16.12 -23.70
CA LEU B 210 0.53 -15.83 -22.37
C LEU B 210 -0.34 -16.97 -21.84
N GLN B 211 -0.12 -17.31 -20.57
CA GLN B 211 -0.91 -18.32 -19.88
C GLN B 211 -1.47 -17.71 -18.60
N ALA B 212 -2.54 -18.33 -18.10
CA ALA B 212 -3.18 -17.84 -16.88
C ALA B 212 -2.20 -17.76 -15.72
N GLU B 213 -1.25 -18.70 -15.65
CA GLU B 213 -0.26 -18.69 -14.57
C GLU B 213 0.65 -17.47 -14.61
N ASP B 214 0.75 -16.78 -15.76
CA ASP B 214 1.61 -15.61 -15.87
C ASP B 214 1.04 -14.37 -15.19
N GLU B 215 -0.22 -14.41 -14.75
CA GLU B 215 -0.83 -13.28 -14.07
C GLU B 215 -0.14 -13.03 -12.73
N ALA B 216 0.58 -11.92 -12.63
CA ALA B 216 1.35 -11.60 -11.43
C ALA B 216 1.86 -10.17 -11.55
N ASP B 217 2.57 -9.73 -10.52
CA ASP B 217 3.31 -8.47 -10.56
C ASP B 217 4.73 -8.72 -11.06
N TYR B 218 5.25 -7.79 -11.85
CA TYR B 218 6.58 -7.91 -12.43
C TYR B 218 7.40 -6.68 -12.07
N TYR B 219 8.62 -6.92 -11.57
CA TYR B 219 9.51 -5.86 -11.11
C TYR B 219 10.84 -5.96 -11.84
N CYS B 220 11.27 -4.86 -12.45
CA CYS B 220 12.63 -4.76 -12.92
C CYS B 220 13.54 -4.32 -11.78
N CYS B 221 14.84 -4.52 -11.97
CA CYS B 221 15.80 -4.25 -10.92
C CYS B 221 17.14 -3.88 -11.54
N SER B 222 17.79 -2.86 -10.99
CA SER B 222 19.07 -2.39 -11.47
C SER B 222 20.10 -2.43 -10.34
N TYR B 223 21.27 -2.98 -10.62
CA TYR B 223 22.36 -3.08 -9.66
C TYR B 223 23.61 -2.42 -10.21
N ALA B 224 24.27 -1.63 -9.36
CA ALA B 224 25.51 -0.95 -9.71
C ALA B 224 25.34 -0.01 -10.91
N GLY B 225 26.45 0.37 -11.54
CA GLY B 225 26.42 1.29 -12.65
C GLY B 225 26.58 2.75 -12.29
N ASP B 226 26.71 3.08 -11.01
CA ASP B 226 26.86 4.46 -10.57
C ASP B 226 27.96 4.50 -9.49
N TYR B 227 28.22 5.71 -9.00
CA TYR B 227 29.33 5.90 -8.06
C TYR B 227 29.03 5.39 -6.66
N THR B 228 27.75 5.23 -6.30
CA THR B 228 27.39 4.61 -5.03
C THR B 228 26.71 3.28 -5.30
N PRO B 229 27.38 2.16 -5.07
CA PRO B 229 26.78 0.86 -5.38
C PRO B 229 25.55 0.58 -4.54
N GLY B 230 24.50 0.11 -5.19
CA GLY B 230 23.27 -0.19 -4.50
C GLY B 230 22.31 -0.94 -5.40
N VAL B 231 21.08 -1.10 -4.92
CA VAL B 231 20.03 -1.81 -5.64
C VAL B 231 18.79 -0.93 -5.68
N VAL B 232 18.16 -0.84 -6.83
CA VAL B 232 16.95 -0.04 -7.01
C VAL B 232 15.94 -0.85 -7.83
N PHE B 233 14.72 -0.95 -7.32
CA PHE B 233 13.65 -1.69 -7.95
C PHE B 233 12.75 -0.77 -8.76
N GLY B 234 12.02 -1.37 -9.71
CA GLY B 234 11.00 -0.65 -10.41
C GLY B 234 9.70 -0.58 -9.63
N GLY B 235 8.84 0.35 -10.03
CA GLY B 235 7.56 0.54 -9.34
C GLY B 235 6.61 -0.63 -9.44
N GLY B 236 6.81 -1.51 -10.43
CA GLY B 236 5.97 -2.67 -10.57
C GLY B 236 4.92 -2.56 -11.65
N THR B 237 4.66 -3.67 -12.34
CA THR B 237 3.63 -3.75 -13.37
C THR B 237 2.71 -4.92 -13.05
N LYS B 238 1.43 -4.63 -12.86
CA LYS B 238 0.45 -5.68 -12.65
C LYS B 238 -0.01 -6.23 -13.99
N LEU B 239 0.16 -7.54 -14.19
CA LEU B 239 -0.21 -8.20 -15.45
C LEU B 239 -1.46 -9.03 -15.21
N THR B 240 -2.51 -8.74 -15.97
CA THR B 240 -3.76 -9.49 -15.92
C THR B 240 -3.93 -10.27 -17.20
N VAL B 241 -4.30 -11.54 -17.08
CA VAL B 241 -4.60 -12.40 -18.23
C VAL B 241 -6.10 -12.63 -18.25
N LEU B 242 -6.78 -12.13 -19.28
CA LEU B 242 -8.23 -12.20 -19.40
C LEU B 242 -8.59 -13.54 -20.03
N GLY B 243 -8.96 -14.51 -19.19
CA GLY B 243 -9.33 -15.83 -19.67
C GLY B 243 -10.56 -15.84 -20.55
#